data_2RC9
#
_entry.id   2RC9
#
_cell.length_a   49.675
_cell.length_b   103.552
_cell.length_c   59.798
_cell.angle_alpha   90.00
_cell.angle_beta   95.04
_cell.angle_gamma   90.00
#
_symmetry.space_group_name_H-M   'P 1 21 1'
#
loop_
_entity.id
_entity.type
_entity.pdbx_description
1 polymer 'Glutamate [NMDA] receptor subunit 3A'
2 non-polymer '1-AMINOCYCLOPROPANECARBOXYLIC ACID'
3 water water
#
_entity_poly.entity_id   1
_entity_poly.type   'polypeptide(L)'
_entity_poly.pdbx_seq_one_letter_code
;GSNKLHLRVVTLIEHPFVFTREVDDEGLCPAGQLCLDPMTNDSSMLDRLFSSLHSSNDTVPIKFKKCCYGYCIDLLEQLA
EDMNFDFDLYIVGDGKYGAWKNGHWTGLVGDLLSGTANMAVTSFSINTARSQVIDFTSPFFSTSLGILVRTRGTELSGIH
DPKLHHPSQGFRFGTVRESSAEDYVRQSFPEMHEYMRRYNVPATPDGVQYLKNDPEKLDAFIMDKALLDYEVSIDADCKL
LTVGKPFAIEGYGIGLPPNSPLTSNISELISQYKSHGFMDVLHDKWYKVVPCGK
;
_entity_poly.pdbx_strand_id   A,B
#
# COMPACT_ATOMS: atom_id res chain seq x y z
N LYS A 4 -14.36 20.08 -22.74
CA LYS A 4 -12.98 19.50 -22.72
C LYS A 4 -12.00 20.28 -21.82
N LEU A 5 -11.53 19.61 -20.77
CA LEU A 5 -10.56 20.18 -19.86
C LEU A 5 -9.20 20.20 -20.50
N HIS A 6 -8.34 21.12 -20.04
N HIS A 6 -8.38 21.16 -20.08
CA HIS A 6 -6.94 21.18 -20.46
CA HIS A 6 -6.97 21.14 -20.38
C HIS A 6 -6.07 21.17 -19.20
C HIS A 6 -6.24 21.04 -19.06
N LEU A 7 -5.32 20.09 -18.99
CA LEU A 7 -4.53 19.89 -17.76
C LEU A 7 -3.06 20.02 -18.06
N ARG A 8 -2.34 20.75 -17.24
CA ARG A 8 -0.90 20.73 -17.33
C ARG A 8 -0.33 19.69 -16.40
N VAL A 9 0.39 18.75 -16.97
CA VAL A 9 0.86 17.58 -16.24
C VAL A 9 2.36 17.68 -16.02
N VAL A 10 2.79 17.52 -14.76
CA VAL A 10 4.19 17.43 -14.44
C VAL A 10 4.60 15.96 -14.30
N THR A 11 5.79 15.62 -14.80
CA THR A 11 6.26 14.28 -14.66
C THR A 11 7.72 14.30 -14.21
N LEU A 12 8.29 13.12 -14.06
CA LEU A 12 9.66 12.95 -13.62
C LEU A 12 10.18 11.72 -14.33
N ILE A 13 11.40 11.79 -14.89
CA ILE A 13 11.94 10.71 -15.71
C ILE A 13 12.46 9.59 -14.81
N GLU A 14 11.85 8.41 -14.91
CA GLU A 14 12.15 7.30 -14.03
C GLU A 14 11.75 6.05 -14.78
N HIS A 15 12.72 5.25 -15.17
CA HIS A 15 12.46 4.08 -15.97
C HIS A 15 11.86 2.94 -15.12
N PRO A 16 10.89 2.17 -15.66
CA PRO A 16 10.31 2.27 -17.01
C PRO A 16 8.97 2.99 -17.06
N PHE A 17 8.74 3.88 -16.09
CA PHE A 17 7.47 4.62 -16.01
C PHE A 17 7.43 5.83 -16.95
N VAL A 18 8.58 6.50 -17.06
CA VAL A 18 8.75 7.65 -17.98
C VAL A 18 10.22 7.70 -18.44
N PHE A 19 10.40 7.80 -19.75
CA PHE A 19 11.68 7.94 -20.43
C PHE A 19 11.53 9.20 -21.29
N THR A 20 12.66 9.76 -21.73
CA THR A 20 12.66 10.83 -22.72
C THR A 20 13.60 10.45 -23.87
N ARG A 21 13.31 10.96 -25.05
CA ARG A 21 14.30 10.96 -26.12
C ARG A 21 14.21 12.29 -26.87
N GLU A 22 15.12 12.52 -27.82
CA GLU A 22 15.07 13.75 -28.60
C GLU A 22 13.89 13.67 -29.56
N VAL A 23 13.34 14.83 -29.92
CA VAL A 23 12.30 14.93 -30.95
C VAL A 23 12.87 14.42 -32.30
N ASP A 24 11.99 14.05 -33.22
CA ASP A 24 12.47 13.41 -34.45
C ASP A 24 12.96 14.45 -35.47
N ASP A 25 13.40 13.95 -36.63
CA ASP A 25 14.01 14.74 -37.69
C ASP A 25 13.06 15.81 -38.27
N GLU A 26 11.79 15.74 -37.89
CA GLU A 26 10.80 16.72 -38.32
C GLU A 26 10.34 17.57 -37.15
N GLY A 27 10.87 17.26 -35.95
CA GLY A 27 10.61 18.02 -34.73
C GLY A 27 9.43 17.54 -33.92
N LEU A 28 8.95 16.35 -34.24
CA LEU A 28 7.78 15.78 -33.55
C LEU A 28 8.09 14.47 -32.81
N CYS A 29 7.03 13.80 -32.31
CA CYS A 29 7.19 12.65 -31.43
C CYS A 29 6.35 11.45 -31.87
N PRO A 30 6.77 10.76 -32.95
CA PRO A 30 5.92 9.73 -33.52
C PRO A 30 5.30 8.80 -32.46
N ALA A 31 6.12 8.12 -31.66
CA ALA A 31 5.53 7.12 -30.78
C ALA A 31 5.40 7.57 -29.33
N GLY A 32 5.47 8.88 -29.10
CA GLY A 32 5.47 9.41 -27.73
C GLY A 32 4.66 10.67 -27.55
N GLN A 33 4.93 11.37 -26.47
CA GLN A 33 4.25 12.62 -26.18
C GLN A 33 5.28 13.73 -26.12
N LEU A 34 5.09 14.75 -26.95
CA LEU A 34 5.89 15.96 -26.83
C LEU A 34 5.81 16.53 -25.40
N CYS A 35 6.97 16.86 -24.83
N CYS A 35 6.96 16.82 -24.83
CA CYS A 35 7.08 17.29 -23.43
CA CYS A 35 6.99 17.45 -23.53
C CYS A 35 8.25 18.28 -23.22
C CYS A 35 8.06 18.55 -23.51
N LEU A 36 8.01 19.36 -22.48
CA LEU A 36 9.02 20.40 -22.27
C LEU A 36 9.86 20.03 -21.07
N ASP A 37 11.14 20.38 -21.16
CA ASP A 37 12.09 20.19 -20.08
C ASP A 37 12.76 21.58 -19.82
N PRO A 38 12.00 22.55 -19.28
CA PRO A 38 12.39 23.94 -19.23
C PRO A 38 13.12 24.35 -17.94
N MET A 39 13.23 23.42 -16.98
CA MET A 39 13.89 23.64 -15.69
C MET A 39 13.33 24.85 -14.97
N THR A 40 12.03 24.86 -14.70
CA THR A 40 11.44 25.98 -14.01
C THR A 40 10.35 25.48 -13.10
N ASN A 41 10.14 26.21 -12.01
CA ASN A 41 8.92 25.94 -11.24
C ASN A 41 7.98 27.12 -11.30
N ASP A 42 8.21 28.01 -12.27
CA ASP A 42 7.41 29.22 -12.42
C ASP A 42 6.25 28.99 -13.37
N SER A 43 5.03 29.11 -12.83
CA SER A 43 3.81 28.91 -13.60
C SER A 43 3.66 29.84 -14.83
N SER A 44 3.95 31.13 -14.67
CA SER A 44 3.84 32.09 -15.77
C SER A 44 4.79 31.72 -16.91
N MET A 45 6.00 31.28 -16.56
N MET A 45 5.99 31.26 -16.56
CA MET A 45 6.97 30.87 -17.57
CA MET A 45 6.96 30.90 -17.58
C MET A 45 6.47 29.68 -18.39
C MET A 45 6.53 29.66 -18.38
N LEU A 46 5.88 28.70 -17.72
CA LEU A 46 5.27 27.53 -18.41
C LEU A 46 4.05 27.92 -19.27
N ASP A 47 3.20 28.82 -18.76
CA ASP A 47 2.10 29.34 -19.56
C ASP A 47 2.64 29.88 -20.88
N ARG A 48 3.67 30.72 -20.80
CA ARG A 48 4.23 31.38 -21.97
C ARG A 48 4.85 30.38 -22.95
N LEU A 49 5.57 29.40 -22.43
CA LEU A 49 6.18 28.38 -23.27
C LEU A 49 5.12 27.53 -23.97
N PHE A 50 4.12 27.07 -23.25
CA PHE A 50 3.12 26.22 -23.87
C PHE A 50 2.24 26.97 -24.86
N SER A 51 1.84 28.19 -24.49
CA SER A 51 1.19 29.10 -25.42
C SER A 51 1.96 29.20 -26.76
N SER A 52 3.28 29.41 -26.68
N SER A 52 3.28 29.40 -26.68
CA SER A 52 4.12 29.49 -27.88
CA SER A 52 4.12 29.50 -27.88
C SER A 52 4.12 28.17 -28.66
C SER A 52 4.16 28.18 -28.65
N LEU A 53 4.35 27.08 -27.93
CA LEU A 53 4.34 25.72 -28.51
C LEU A 53 3.12 25.44 -29.40
N HIS A 54 1.96 25.93 -28.97
CA HIS A 54 0.66 25.64 -29.60
C HIS A 54 0.22 26.63 -30.64
N SER A 55 1.08 27.60 -30.93
CA SER A 55 0.71 28.73 -31.76
C SER A 55 1.32 28.65 -33.16
N SER A 56 0.90 29.57 -34.02
CA SER A 56 1.72 29.97 -35.18
C SER A 56 2.97 30.60 -34.57
N ASN A 57 4.10 30.45 -35.22
CA ASN A 57 5.37 30.95 -34.68
C ASN A 57 5.73 30.34 -33.31
N ASP A 58 5.97 29.03 -33.34
CA ASP A 58 6.55 28.32 -32.20
C ASP A 58 8.01 28.74 -32.05
N THR A 59 8.32 29.47 -30.98
CA THR A 59 9.69 29.91 -30.72
C THR A 59 10.23 29.29 -29.44
N VAL A 60 9.63 28.17 -29.01
CA VAL A 60 10.17 27.47 -27.86
C VAL A 60 11.60 26.99 -28.16
N PRO A 61 12.57 27.35 -27.30
CA PRO A 61 13.94 26.91 -27.52
C PRO A 61 14.00 25.40 -27.69
N ILE A 62 14.60 24.96 -28.80
CA ILE A 62 14.66 23.55 -29.16
C ILE A 62 15.23 22.62 -28.06
N LYS A 63 16.18 23.10 -27.27
CA LYS A 63 16.75 22.29 -26.18
C LYS A 63 15.70 21.89 -25.11
N PHE A 64 14.61 22.65 -25.02
CA PHE A 64 13.52 22.29 -24.07
C PHE A 64 12.60 21.21 -24.61
N LYS A 65 12.67 20.89 -25.89
CA LYS A 65 11.72 19.92 -26.45
C LYS A 65 12.25 18.50 -26.33
N LYS A 66 11.40 17.58 -25.86
CA LYS A 66 11.74 16.15 -25.73
C LYS A 66 10.52 15.33 -26.08
N CYS A 67 10.73 14.04 -26.35
CA CYS A 67 9.62 13.11 -26.44
C CYS A 67 9.58 12.21 -25.20
N CYS A 68 8.42 12.13 -24.56
N CYS A 68 8.42 12.18 -24.54
CA CYS A 68 8.29 11.36 -23.32
CA CYS A 68 8.21 11.35 -23.36
C CYS A 68 7.41 10.13 -23.53
C CYS A 68 7.56 10.05 -23.78
N TYR A 69 7.91 8.96 -23.09
CA TYR A 69 7.26 7.67 -23.35
C TYR A 69 7.43 6.77 -22.14
N GLY A 70 6.62 5.74 -22.01
CA GLY A 70 6.72 4.88 -20.84
C GLY A 70 5.38 4.41 -20.31
N TYR A 71 5.44 3.59 -19.27
CA TYR A 71 4.26 3.02 -18.66
C TYR A 71 3.27 4.13 -18.30
N CYS A 72 3.75 5.17 -17.64
CA CYS A 72 2.89 6.29 -17.22
C CYS A 72 2.33 7.14 -18.35
N ILE A 73 3.05 7.20 -19.47
CA ILE A 73 2.62 7.99 -20.62
C ILE A 73 1.52 7.20 -21.34
N ASP A 74 1.69 5.89 -21.48
CA ASP A 74 0.60 5.04 -22.02
C ASP A 74 -0.65 5.23 -21.15
N LEU A 75 -0.47 5.26 -19.83
CA LEU A 75 -1.61 5.41 -18.89
C LEU A 75 -2.30 6.78 -19.03
N LEU A 76 -1.49 7.84 -19.03
CA LEU A 76 -1.94 9.20 -19.32
C LEU A 76 -2.74 9.29 -20.60
N GLU A 77 -2.22 8.74 -21.69
CA GLU A 77 -2.93 8.80 -22.98
C GLU A 77 -4.31 8.18 -22.90
N GLN A 78 -4.40 7.05 -22.20
CA GLN A 78 -5.67 6.35 -22.05
C GLN A 78 -6.66 7.20 -21.21
N LEU A 79 -6.20 7.71 -20.08
CA LEU A 79 -7.01 8.64 -19.28
C LEU A 79 -7.52 9.87 -20.05
N ALA A 80 -6.61 10.50 -20.80
CA ALA A 80 -6.97 11.68 -21.61
C ALA A 80 -8.09 11.35 -22.61
N GLU A 81 -7.96 10.21 -23.28
CA GLU A 81 -9.01 9.72 -24.16
C GLU A 81 -10.31 9.41 -23.42
N ASP A 82 -10.25 8.66 -22.31
CA ASP A 82 -11.53 8.30 -21.63
C ASP A 82 -12.18 9.46 -20.93
N MET A 83 -11.38 10.36 -20.39
CA MET A 83 -11.94 11.47 -19.66
C MET A 83 -12.11 12.74 -20.48
N ASN A 84 -11.74 12.67 -21.75
CA ASN A 84 -11.89 13.77 -22.68
C ASN A 84 -11.20 15.06 -22.23
N PHE A 85 -9.91 14.94 -21.90
CA PHE A 85 -9.10 16.11 -21.64
C PHE A 85 -7.88 16.14 -22.55
N ASP A 86 -7.36 17.32 -22.81
CA ASP A 86 -6.04 17.35 -23.42
C ASP A 86 -5.03 17.88 -22.45
N PHE A 87 -3.73 17.71 -22.75
CA PHE A 87 -2.75 17.98 -21.71
C PHE A 87 -1.49 18.58 -22.27
N ASP A 88 -0.81 19.36 -21.44
CA ASP A 88 0.54 19.82 -21.70
C ASP A 88 1.42 19.04 -20.71
N LEU A 89 2.61 18.62 -21.13
CA LEU A 89 3.43 17.76 -20.29
C LEU A 89 4.81 18.39 -20.11
N TYR A 90 5.26 18.50 -18.87
CA TYR A 90 6.60 19.05 -18.62
C TYR A 90 7.28 18.24 -17.50
N ILE A 91 8.60 18.26 -17.54
CA ILE A 91 9.46 17.60 -16.55
C ILE A 91 9.79 18.55 -15.40
N VAL A 92 9.54 18.07 -14.17
CA VAL A 92 9.74 18.85 -12.94
C VAL A 92 11.18 19.40 -12.93
N GLY A 93 11.29 20.71 -12.65
CA GLY A 93 12.56 21.43 -12.76
C GLY A 93 13.66 20.94 -11.83
N ASP A 94 13.31 20.56 -10.60
CA ASP A 94 14.38 20.15 -9.68
C ASP A 94 14.63 18.65 -9.74
N GLY A 95 13.89 17.93 -10.60
CA GLY A 95 14.10 16.48 -10.73
C GLY A 95 13.77 15.68 -9.50
N LYS A 96 13.07 16.30 -8.54
CA LYS A 96 12.66 15.58 -7.29
C LYS A 96 11.17 15.20 -7.24
N TYR A 97 10.88 14.06 -6.58
CA TYR A 97 9.51 13.69 -6.28
C TYR A 97 8.87 14.67 -5.29
N GLY A 98 9.59 15.02 -4.24
CA GLY A 98 9.12 16.07 -3.33
C GLY A 98 9.22 15.71 -1.85
N ALA A 99 9.72 16.65 -1.08
CA ALA A 99 9.76 16.52 0.36
C ALA A 99 9.59 17.89 0.97
N TRP A 100 9.35 17.90 2.28
CA TRP A 100 9.33 19.12 3.10
C TRP A 100 10.78 19.53 3.41
N LYS A 101 11.22 20.63 2.79
N LYS A 101 11.18 20.68 2.86
CA LYS A 101 12.58 21.13 2.95
CA LYS A 101 12.56 21.14 2.94
C LYS A 101 12.54 22.65 2.99
C LYS A 101 12.55 22.66 2.98
N ASN A 102 13.18 23.22 4.01
CA ASN A 102 13.25 24.69 4.23
C ASN A 102 11.90 25.40 4.21
N GLY A 103 10.94 24.82 4.94
CA GLY A 103 9.61 25.39 5.08
C GLY A 103 8.70 25.28 3.87
N HIS A 104 9.08 24.46 2.89
CA HIS A 104 8.19 24.28 1.70
C HIS A 104 8.29 22.90 1.11
N TRP A 105 7.32 22.53 0.26
CA TRP A 105 7.40 21.27 -0.46
C TRP A 105 8.16 21.47 -1.75
N THR A 106 9.02 20.53 -2.08
CA THR A 106 9.77 20.58 -3.32
C THR A 106 9.14 19.65 -4.35
N GLY A 107 9.78 19.57 -5.51
CA GLY A 107 9.43 18.61 -6.55
C GLY A 107 7.99 18.66 -7.04
N LEU A 108 7.45 17.47 -7.30
CA LEU A 108 6.10 17.30 -7.82
C LEU A 108 5.09 17.79 -6.85
N VAL A 109 5.30 17.50 -5.57
CA VAL A 109 4.39 17.95 -4.53
C VAL A 109 4.30 19.45 -4.57
N GLY A 110 5.44 20.13 -4.66
CA GLY A 110 5.49 21.58 -4.67
C GLY A 110 4.73 22.20 -5.83
N ASP A 111 4.93 21.65 -7.03
CA ASP A 111 4.26 22.15 -8.24
C ASP A 111 2.75 21.96 -8.16
N LEU A 112 2.30 20.90 -7.51
CA LEU A 112 0.85 20.74 -7.34
C LEU A 112 0.29 21.81 -6.37
N LEU A 113 1.00 22.03 -5.26
CA LEU A 113 0.57 22.98 -4.20
C LEU A 113 0.70 24.42 -4.61
N SER A 114 1.63 24.73 -5.50
CA SER A 114 1.76 26.10 -6.00
C SER A 114 0.81 26.39 -7.17
N GLY A 115 0.15 25.36 -7.70
CA GLY A 115 -0.67 25.50 -8.90
C GLY A 115 0.13 25.53 -10.19
N THR A 116 1.41 25.17 -10.14
CA THR A 116 2.25 25.14 -11.31
C THR A 116 1.91 23.96 -12.25
N ALA A 117 1.45 22.85 -11.66
CA ALA A 117 0.91 21.72 -12.40
C ALA A 117 -0.49 21.41 -11.90
N ASN A 118 -1.31 20.88 -12.78
CA ASN A 118 -2.64 20.42 -12.36
C ASN A 118 -2.64 18.98 -11.85
N MET A 119 -1.69 18.19 -12.34
CA MET A 119 -1.67 16.77 -12.00
C MET A 119 -0.23 16.30 -12.15
N ALA A 120 0.18 15.29 -11.38
CA ALA A 120 1.55 14.72 -11.45
C ALA A 120 1.41 13.24 -11.83
N VAL A 121 2.14 12.81 -12.86
CA VAL A 121 1.99 11.45 -13.38
C VAL A 121 3.42 10.92 -13.58
N THR A 122 3.81 9.97 -12.73
CA THR A 122 5.09 9.22 -12.83
C THR A 122 5.03 8.17 -11.72
N SER A 123 6.17 7.56 -11.37
CA SER A 123 6.29 6.55 -10.32
C SER A 123 6.25 7.21 -8.95
N PHE A 124 5.08 7.75 -8.60
CA PHE A 124 4.92 8.72 -7.50
C PHE A 124 4.30 7.99 -6.33
N SER A 125 5.02 7.86 -5.23
CA SER A 125 4.53 7.06 -4.09
C SER A 125 3.49 7.79 -3.22
N ILE A 126 2.49 7.04 -2.81
CA ILE A 126 1.43 7.54 -1.95
C ILE A 126 1.94 7.26 -0.56
N ASN A 127 2.29 8.28 0.21
CA ASN A 127 2.73 8.05 1.61
C ASN A 127 1.92 8.94 2.54
N THR A 128 2.07 8.72 3.85
CA THR A 128 1.29 9.51 4.80
C THR A 128 1.53 11.02 4.73
N ALA A 129 2.79 11.45 4.73
CA ALA A 129 3.11 12.88 4.74
C ALA A 129 2.48 13.59 3.53
N ARG A 130 2.66 13.06 2.33
CA ARG A 130 2.06 13.67 1.15
C ARG A 130 0.54 13.62 1.15
N SER A 131 -0.01 12.57 1.75
CA SER A 131 -1.46 12.44 1.77
C SER A 131 -2.11 13.54 2.60
N GLN A 132 -1.34 14.20 3.45
CA GLN A 132 -1.87 15.29 4.29
C GLN A 132 -2.05 16.57 3.45
N VAL A 133 -1.37 16.65 2.31
CA VAL A 133 -1.29 17.93 1.59
C VAL A 133 -1.81 17.90 0.11
N ILE A 134 -1.78 16.75 -0.55
CA ILE A 134 -2.27 16.63 -1.94
C ILE A 134 -3.21 15.44 -2.03
N ASP A 135 -4.03 15.37 -3.08
CA ASP A 135 -4.87 14.18 -3.33
C ASP A 135 -4.02 13.18 -4.11
N PHE A 136 -4.26 11.89 -3.86
CA PHE A 136 -3.81 10.81 -4.74
C PHE A 136 -5.01 10.02 -5.18
N THR A 137 -4.92 9.55 -6.42
CA THR A 137 -5.94 8.63 -6.94
C THR A 137 -5.73 7.28 -6.31
N SER A 138 -6.66 6.35 -6.55
CA SER A 138 -6.38 4.94 -6.31
C SER A 138 -5.04 4.54 -6.95
N PRO A 139 -4.30 3.62 -6.33
CA PRO A 139 -2.99 3.32 -6.88
C PRO A 139 -3.05 2.51 -8.17
N PHE A 140 -2.13 2.76 -9.09
CA PHE A 140 -2.09 1.99 -10.31
C PHE A 140 -1.00 0.94 -10.27
N PHE A 141 -0.17 0.96 -9.22
CA PHE A 141 0.98 0.06 -9.07
C PHE A 141 1.29 0.01 -7.57
N SER A 142 1.98 -1.03 -7.14
CA SER A 142 2.35 -1.18 -5.71
C SER A 142 3.81 -1.61 -5.63
N THR A 143 4.58 -1.10 -4.66
CA THR A 143 5.96 -1.57 -4.58
C THR A 143 6.55 -1.50 -3.17
N SER A 144 7.34 -2.49 -2.80
CA SER A 144 8.12 -2.44 -1.58
C SER A 144 9.27 -1.49 -1.86
N LEU A 145 9.90 -0.95 -0.81
CA LEU A 145 11.27 -0.49 -0.99
C LEU A 145 12.17 -1.73 -1.15
N GLY A 146 13.33 -1.54 -1.80
CA GLY A 146 14.30 -2.61 -1.98
C GLY A 146 15.74 -2.14 -1.76
N ILE A 147 16.68 -3.10 -1.82
CA ILE A 147 18.09 -2.81 -1.58
C ILE A 147 18.86 -3.47 -2.72
N LEU A 148 19.59 -2.66 -3.49
CA LEU A 148 20.37 -3.12 -4.64
C LEU A 148 21.81 -3.36 -4.19
N VAL A 149 22.33 -4.53 -4.51
CA VAL A 149 23.76 -4.81 -4.22
C VAL A 149 24.40 -5.54 -5.39
N ARG A 150 25.71 -5.78 -5.30
CA ARG A 150 26.37 -6.55 -6.32
C ARG A 150 26.30 -8.03 -5.96
N THR A 151 26.25 -8.88 -6.97
CA THR A 151 26.45 -10.30 -6.77
C THR A 151 27.81 -10.49 -6.14
N ARG A 152 27.85 -11.32 -5.09
CA ARG A 152 29.07 -11.56 -4.31
C ARG A 152 29.57 -10.29 -3.62
N GLY A 153 28.68 -9.35 -3.38
CA GLY A 153 29.04 -8.12 -2.72
C GLY A 153 28.44 -8.12 -1.33
N THR A 154 27.83 -6.99 -0.99
CA THR A 154 27.18 -6.79 0.31
C THR A 154 25.97 -7.71 0.43
N GLU A 155 25.87 -8.40 1.57
CA GLU A 155 24.67 -9.18 1.87
C GLU A 155 23.88 -8.51 2.99
N LEU A 156 22.55 -8.44 2.86
CA LEU A 156 21.75 -7.71 3.84
C LEU A 156 20.42 -8.45 4.00
N SER A 157 19.96 -8.59 5.25
CA SER A 157 18.71 -9.31 5.54
C SER A 157 17.48 -8.47 5.23
N GLY A 158 17.67 -7.16 5.11
CA GLY A 158 16.55 -6.23 4.96
C GLY A 158 16.88 -4.95 5.70
N ILE A 159 15.87 -4.12 5.97
CA ILE A 159 16.13 -2.78 6.52
C ILE A 159 16.63 -2.82 7.98
N HIS A 160 16.53 -3.99 8.63
CA HIS A 160 16.93 -4.14 10.05
C HIS A 160 18.31 -4.77 10.17
N ASP A 161 19.01 -4.93 9.07
CA ASP A 161 20.33 -5.56 9.12
C ASP A 161 21.28 -4.70 10.01
N PRO A 162 21.94 -5.32 11.01
CA PRO A 162 22.92 -4.56 11.82
C PRO A 162 23.99 -3.84 10.99
N LYS A 163 24.32 -4.33 9.79
CA LYS A 163 25.28 -3.65 8.92
C LYS A 163 24.87 -2.21 8.60
N LEU A 164 23.56 -1.95 8.55
CA LEU A 164 23.01 -0.63 8.26
C LEU A 164 22.90 0.28 9.52
N HIS A 165 22.71 -0.32 10.70
CA HIS A 165 22.47 0.47 11.92
C HIS A 165 23.72 0.69 12.78
N HIS A 166 24.71 -0.16 12.61
CA HIS A 166 26.03 0.05 13.19
C HIS A 166 27.02 -0.19 12.08
N PRO A 167 26.98 0.66 11.03
CA PRO A 167 27.83 0.41 9.85
C PRO A 167 29.31 0.42 10.21
N SER A 168 30.08 -0.38 9.47
N SER A 168 30.07 -0.37 9.47
CA SER A 168 31.54 -0.40 9.60
CA SER A 168 31.53 -0.37 9.59
C SER A 168 32.11 0.80 8.85
C SER A 168 32.06 0.88 8.92
N GLN A 169 33.27 1.27 9.27
CA GLN A 169 33.87 2.43 8.63
C GLN A 169 33.94 2.17 7.12
N GLY A 170 33.50 3.14 6.35
CA GLY A 170 33.48 3.01 4.90
C GLY A 170 32.34 2.17 4.32
N PHE A 171 31.41 1.69 5.15
CA PHE A 171 30.22 1.06 4.58
C PHE A 171 29.31 2.15 4.02
N ARG A 172 29.20 2.20 2.69
CA ARG A 172 28.52 3.27 1.97
C ARG A 172 27.17 2.79 1.43
N PHE A 173 26.10 3.37 1.93
CA PHE A 173 24.78 3.12 1.36
C PHE A 173 23.92 4.37 1.36
N GLY A 174 23.07 4.49 0.35
CA GLY A 174 22.28 5.68 0.18
C GLY A 174 20.94 5.43 -0.45
N THR A 175 20.15 6.48 -0.50
CA THR A 175 18.87 6.48 -1.24
C THR A 175 18.76 7.78 -2.06
N VAL A 176 17.60 8.05 -2.65
CA VAL A 176 17.43 9.22 -3.49
C VAL A 176 16.92 10.34 -2.61
N ARG A 177 17.59 11.50 -2.67
CA ARG A 177 17.16 12.71 -1.95
C ARG A 177 15.74 13.15 -2.29
N GLU A 178 15.04 13.68 -1.28
CA GLU A 178 13.69 14.22 -1.45
C GLU A 178 12.70 13.23 -2.05
N SER A 179 12.81 11.96 -1.64
CA SER A 179 11.89 10.94 -2.12
C SER A 179 11.19 10.32 -0.91
N SER A 180 10.23 9.43 -1.17
CA SER A 180 9.51 8.76 -0.10
C SER A 180 10.42 7.75 0.60
N ALA A 181 11.43 7.25 -0.12
CA ALA A 181 12.43 6.34 0.49
C ALA A 181 13.22 7.08 1.58
N GLU A 182 13.63 8.30 1.27
CA GLU A 182 14.31 9.16 2.23
C GLU A 182 13.39 9.55 3.40
N ASP A 183 12.16 9.96 3.09
CA ASP A 183 11.13 10.24 4.11
C ASP A 183 11.05 9.06 5.09
N TYR A 184 10.95 7.84 4.53
CA TYR A 184 10.80 6.63 5.34
C TYR A 184 11.96 6.47 6.30
N VAL A 185 13.19 6.54 5.80
CA VAL A 185 14.37 6.36 6.65
C VAL A 185 14.46 7.48 7.69
N ARG A 186 14.22 8.72 7.26
CA ARG A 186 14.22 9.87 8.16
C ARG A 186 13.24 9.72 9.31
N GLN A 187 12.01 9.29 9.01
CA GLN A 187 10.96 9.12 10.00
C GLN A 187 11.24 7.91 10.88
N SER A 188 11.64 6.78 10.27
CA SER A 188 11.78 5.53 11.02
C SER A 188 13.14 5.26 11.67
N PHE A 189 14.22 5.71 11.03
CA PHE A 189 15.57 5.42 11.52
C PHE A 189 16.38 6.68 11.39
N PRO A 190 16.11 7.67 12.27
CA PRO A 190 16.76 8.97 12.28
C PRO A 190 18.30 8.91 12.27
N GLU A 191 18.91 7.98 13.03
CA GLU A 191 20.39 7.93 13.07
C GLU A 191 20.96 7.32 11.78
N MET A 192 20.24 6.36 11.23
CA MET A 192 20.57 5.82 9.89
C MET A 192 20.45 6.91 8.83
N HIS A 193 19.40 7.72 8.92
CA HIS A 193 19.25 8.85 8.00
C HIS A 193 20.46 9.79 8.03
N GLU A 194 20.88 10.14 9.24
CA GLU A 194 22.04 11.00 9.40
C GLU A 194 23.31 10.42 8.76
N TYR A 195 23.52 9.12 8.97
CA TYR A 195 24.64 8.41 8.35
C TYR A 195 24.62 8.42 6.80
N MET A 196 23.42 8.26 6.26
CA MET A 196 23.17 8.19 4.80
C MET A 196 23.31 9.53 4.03
N ARG A 197 23.19 10.65 4.74
CA ARG A 197 23.09 11.96 4.10
C ARG A 197 24.23 12.15 3.11
N ARG A 198 25.45 11.83 3.54
CA ARG A 198 26.63 12.04 2.67
C ARG A 198 26.65 11.09 1.46
N TYR A 199 25.78 10.06 1.48
CA TYR A 199 25.75 9.03 0.43
C TYR A 199 24.53 9.08 -0.51
N ASN A 200 23.50 9.84 -0.10
CA ASN A 200 22.26 10.01 -0.89
C ASN A 200 22.55 10.69 -2.22
N VAL A 201 21.75 10.40 -3.22
CA VAL A 201 22.00 10.83 -4.57
C VAL A 201 20.81 11.66 -5.08
N PRO A 202 21.03 12.48 -6.11
CA PRO A 202 19.95 13.31 -6.66
C PRO A 202 18.83 12.51 -7.34
N ALA A 203 19.16 11.35 -7.89
CA ALA A 203 18.26 10.64 -8.80
C ALA A 203 18.64 9.17 -8.84
N THR A 204 17.66 8.33 -9.14
CA THR A 204 17.84 6.86 -9.15
C THR A 204 19.00 6.39 -10.06
N PRO A 205 19.10 6.91 -11.31
CA PRO A 205 20.22 6.47 -12.16
C PRO A 205 21.61 6.70 -11.53
N ASP A 206 21.76 7.74 -10.72
CA ASP A 206 23.04 7.98 -10.02
C ASP A 206 23.32 6.88 -9.01
N GLY A 207 22.32 6.53 -8.21
CA GLY A 207 22.52 5.49 -7.21
C GLY A 207 22.87 4.16 -7.88
N VAL A 208 22.17 3.84 -8.95
CA VAL A 208 22.43 2.59 -9.68
C VAL A 208 23.81 2.59 -10.30
N GLN A 209 24.20 3.69 -10.94
CA GLN A 209 25.56 3.79 -11.50
C GLN A 209 26.62 3.58 -10.42
N TYR A 210 26.44 4.24 -9.27
CA TYR A 210 27.39 4.20 -8.14
C TYR A 210 27.58 2.81 -7.53
N LEU A 211 26.51 2.03 -7.57
CA LEU A 211 26.58 0.64 -7.14
C LEU A 211 27.17 -0.23 -8.29
N LYS A 212 26.58 -0.09 -9.48
CA LYS A 212 26.87 -0.96 -10.61
C LYS A 212 28.25 -0.74 -11.28
N ASN A 213 28.64 0.51 -11.48
CA ASN A 213 29.83 0.78 -12.29
C ASN A 213 31.10 0.81 -11.42
N ASP A 214 32.26 0.57 -12.05
CA ASP A 214 33.57 0.72 -11.38
C ASP A 214 34.15 2.11 -11.67
N PRO A 215 34.81 2.74 -10.66
CA PRO A 215 35.07 2.30 -9.30
C PRO A 215 33.79 2.44 -8.46
N GLU A 216 33.43 1.39 -7.72
CA GLU A 216 32.15 1.37 -7.00
C GLU A 216 32.07 2.49 -5.94
N LYS A 217 30.94 3.22 -5.88
CA LYS A 217 30.81 4.33 -4.93
C LYS A 217 29.78 4.09 -3.81
N LEU A 218 28.93 3.09 -3.98
CA LEU A 218 28.01 2.63 -2.95
C LEU A 218 28.14 1.13 -2.84
N ASP A 219 28.03 0.64 -1.61
CA ASP A 219 27.98 -0.79 -1.31
C ASP A 219 26.54 -1.31 -1.39
N ALA A 220 25.57 -0.44 -1.14
CA ALA A 220 24.12 -0.79 -1.31
C ALA A 220 23.33 0.46 -1.63
N PHE A 221 22.26 0.31 -2.41
CA PHE A 221 21.45 1.48 -2.80
C PHE A 221 20.00 1.12 -2.50
N ILE A 222 19.37 1.93 -1.64
CA ILE A 222 18.00 1.74 -1.25
C ILE A 222 17.00 2.58 -2.10
N MET A 223 15.99 1.92 -2.68
CA MET A 223 15.04 2.63 -3.56
C MET A 223 13.86 1.71 -3.84
N ASP A 224 12.80 2.23 -4.46
CA ASP A 224 11.62 1.42 -4.82
C ASP A 224 12.06 0.14 -5.51
N LYS A 225 11.62 -1.00 -4.99
CA LYS A 225 11.92 -2.29 -5.62
C LYS A 225 11.41 -2.38 -7.06
N ALA A 226 10.27 -1.80 -7.38
CA ALA A 226 9.81 -1.84 -8.80
C ALA A 226 10.86 -1.22 -9.73
N LEU A 227 11.57 -0.21 -9.25
CA LEU A 227 12.55 0.47 -10.10
C LEU A 227 13.84 -0.35 -10.13
N LEU A 228 14.27 -0.83 -8.97
CA LEU A 228 15.50 -1.64 -8.88
C LEU A 228 15.38 -2.93 -9.68
N ASP A 229 14.20 -3.55 -9.59
CA ASP A 229 13.88 -4.78 -10.32
C ASP A 229 14.02 -4.57 -11.82
N TYR A 230 13.63 -3.39 -12.29
CA TYR A 230 13.75 -3.07 -13.71
C TYR A 230 15.26 -3.02 -14.09
N GLU A 231 16.05 -2.36 -13.25
CA GLU A 231 17.48 -2.29 -13.51
C GLU A 231 18.16 -3.68 -13.54
N VAL A 232 17.76 -4.55 -12.60
CA VAL A 232 18.35 -5.89 -12.54
C VAL A 232 17.97 -6.64 -13.83
N SER A 233 16.72 -6.47 -14.27
CA SER A 233 16.24 -7.20 -15.42
C SER A 233 16.94 -6.82 -16.73
N ILE A 234 17.43 -5.58 -16.84
CA ILE A 234 18.14 -5.17 -18.06
C ILE A 234 19.66 -5.31 -17.95
N ASP A 235 20.15 -5.79 -16.79
CA ASP A 235 21.58 -5.96 -16.55
C ASP A 235 22.07 -7.24 -17.24
N ALA A 236 22.86 -7.04 -18.28
CA ALA A 236 23.39 -8.16 -19.06
C ALA A 236 24.26 -9.01 -18.18
N ASP A 237 25.37 -8.43 -17.73
CA ASP A 237 26.41 -9.06 -16.90
C ASP A 237 25.90 -9.99 -15.77
N CYS A 238 24.69 -9.67 -15.28
N CYS A 238 24.69 -9.75 -15.25
CA CYS A 238 24.06 -10.33 -14.14
CA CYS A 238 24.20 -10.52 -14.10
C CYS A 238 24.88 -10.15 -12.85
C CYS A 238 25.02 -10.18 -12.84
N LYS A 239 25.30 -8.90 -12.67
CA LYS A 239 26.13 -8.48 -11.57
C LYS A 239 25.32 -7.88 -10.42
N LEU A 240 23.99 -7.74 -10.59
CA LEU A 240 23.12 -7.02 -9.62
C LEU A 240 22.06 -7.91 -8.98
N LEU A 241 21.75 -7.63 -7.72
CA LEU A 241 20.66 -8.32 -7.01
C LEU A 241 19.91 -7.34 -6.15
N THR A 242 18.64 -7.64 -5.90
CA THR A 242 17.91 -6.97 -4.82
C THR A 242 17.81 -8.00 -3.67
N VAL A 243 18.03 -7.54 -2.45
CA VAL A 243 18.18 -8.44 -1.32
C VAL A 243 17.25 -8.05 -0.18
N GLY A 244 16.96 -8.99 0.70
CA GLY A 244 16.29 -8.67 1.95
C GLY A 244 14.78 -8.76 1.90
N LYS A 245 14.17 -8.70 3.09
CA LYS A 245 12.72 -8.73 3.27
C LYS A 245 12.09 -7.44 2.77
N PRO A 246 10.81 -7.50 2.39
CA PRO A 246 10.12 -6.29 1.96
C PRO A 246 10.00 -5.33 3.12
N PHE A 247 9.95 -4.05 2.80
CA PHE A 247 9.67 -3.00 3.78
C PHE A 247 9.09 -1.78 3.12
N ALA A 248 8.30 -1.03 3.87
CA ALA A 248 7.82 0.28 3.47
C ALA A 248 7.05 0.18 2.16
N ILE A 249 6.08 -0.75 2.10
CA ILE A 249 5.31 -0.96 0.85
C ILE A 249 4.40 0.25 0.63
N GLU A 250 4.41 0.79 -0.59
CA GLU A 250 3.57 1.95 -0.96
C GLU A 250 2.99 1.78 -2.34
N GLY A 251 1.79 2.34 -2.57
CA GLY A 251 1.20 2.38 -3.90
C GLY A 251 1.79 3.52 -4.69
N TYR A 252 1.77 3.42 -6.02
CA TYR A 252 1.98 4.61 -6.85
C TYR A 252 0.61 5.14 -7.28
N GLY A 253 0.46 6.44 -7.27
CA GLY A 253 -0.78 7.09 -7.64
C GLY A 253 -0.50 8.35 -8.40
N ILE A 254 -1.54 8.84 -9.04
CA ILE A 254 -1.50 10.15 -9.73
C ILE A 254 -1.78 11.21 -8.65
N GLY A 255 -0.93 12.24 -8.58
CA GLY A 255 -1.15 13.32 -7.63
C GLY A 255 -1.98 14.46 -8.20
N LEU A 256 -2.88 14.99 -7.36
CA LEU A 256 -3.73 16.12 -7.73
C LEU A 256 -3.73 17.10 -6.55
N PRO A 257 -4.15 18.35 -6.76
CA PRO A 257 -4.31 19.25 -5.61
C PRO A 257 -5.30 18.67 -4.56
N PRO A 258 -5.22 19.10 -3.29
CA PRO A 258 -6.09 18.52 -2.27
C PRO A 258 -7.56 18.83 -2.58
N ASN A 259 -8.45 17.85 -2.39
CA ASN A 259 -9.89 17.99 -2.68
C ASN A 259 -10.22 18.36 -4.13
N SER A 260 -9.35 17.93 -5.05
CA SER A 260 -9.64 18.03 -6.47
C SER A 260 -10.93 17.28 -6.87
N PRO A 261 -11.80 17.92 -7.66
CA PRO A 261 -12.98 17.23 -8.16
C PRO A 261 -12.61 16.19 -9.24
N LEU A 262 -11.37 16.19 -9.71
CA LEU A 262 -10.91 15.21 -10.71
C LEU A 262 -10.54 13.85 -10.11
N THR A 263 -10.17 13.84 -8.85
CA THR A 263 -9.58 12.64 -8.25
C THR A 263 -10.48 11.41 -8.39
N SER A 264 -11.76 11.55 -8.08
CA SER A 264 -12.61 10.35 -8.04
C SER A 264 -12.81 9.81 -9.42
N ASN A 265 -12.88 10.69 -10.43
CA ASN A 265 -13.07 10.26 -11.80
C ASN A 265 -11.86 9.51 -12.31
N ILE A 266 -10.67 10.02 -11.96
CA ILE A 266 -9.44 9.33 -12.38
C ILE A 266 -9.31 8.00 -11.65
N SER A 267 -9.66 7.97 -10.36
CA SER A 267 -9.56 6.73 -9.60
C SER A 267 -10.49 5.68 -10.18
N GLU A 268 -11.68 6.09 -10.60
CA GLU A 268 -12.63 5.17 -11.18
C GLU A 268 -12.09 4.52 -12.46
N LEU A 269 -11.47 5.33 -13.31
CA LEU A 269 -10.91 4.80 -14.53
C LEU A 269 -9.71 3.88 -14.21
N ILE A 270 -8.84 4.32 -13.32
CA ILE A 270 -7.73 3.44 -12.90
C ILE A 270 -8.27 2.07 -12.42
N SER A 271 -9.35 2.07 -11.63
N SER A 271 -9.32 2.11 -11.59
CA SER A 271 -9.96 0.80 -11.18
CA SER A 271 -9.99 0.90 -11.11
C SER A 271 -10.53 -0.05 -12.30
C SER A 271 -10.48 0.00 -12.24
N GLN A 272 -11.20 0.60 -13.25
N GLN A 272 -11.19 0.61 -13.19
CA GLN A 272 -11.70 -0.09 -14.43
CA GLN A 272 -11.67 -0.08 -14.39
C GLN A 272 -10.53 -0.73 -15.20
C GLN A 272 -10.50 -0.74 -15.15
N TYR A 273 -9.45 0.05 -15.38
CA TYR A 273 -8.29 -0.41 -16.12
C TYR A 273 -7.62 -1.62 -15.49
N LYS A 274 -7.49 -1.57 -14.17
CA LYS A 274 -6.94 -2.68 -13.43
C LYS A 274 -7.84 -3.91 -13.65
N SER A 275 -9.13 -3.74 -13.42
CA SER A 275 -10.02 -4.88 -13.40
C SER A 275 -10.35 -5.38 -14.78
N HIS A 276 -9.82 -4.71 -15.81
CA HIS A 276 -9.94 -5.19 -17.18
C HIS A 276 -8.63 -5.59 -17.84
N GLY A 277 -7.57 -5.74 -17.06
CA GLY A 277 -6.31 -6.27 -17.58
C GLY A 277 -5.29 -5.26 -18.10
N PHE A 278 -5.67 -3.98 -18.15
CA PHE A 278 -4.82 -2.96 -18.76
C PHE A 278 -3.51 -2.76 -18.02
N MET A 279 -3.53 -2.80 -16.68
CA MET A 279 -2.29 -2.75 -15.92
C MET A 279 -1.38 -3.95 -16.15
N ASP A 280 -1.96 -5.13 -16.38
CA ASP A 280 -1.18 -6.30 -16.78
C ASP A 280 -0.52 -6.01 -18.12
N VAL A 281 -1.30 -5.46 -19.05
CA VAL A 281 -0.80 -5.16 -20.42
C VAL A 281 0.40 -4.20 -20.38
N LEU A 282 0.29 -3.16 -19.56
CA LEU A 282 1.34 -2.15 -19.44
C LEU A 282 2.58 -2.70 -18.74
N HIS A 283 2.35 -3.49 -17.70
CA HIS A 283 3.46 -4.10 -16.98
C HIS A 283 4.26 -4.98 -17.93
N ASP A 284 3.61 -5.80 -18.73
CA ASP A 284 4.36 -6.74 -19.57
C ASP A 284 5.08 -6.02 -20.70
N LYS A 285 4.45 -4.99 -21.25
CA LYS A 285 5.10 -4.17 -22.26
C LYS A 285 6.38 -3.51 -21.69
N TRP A 286 6.25 -2.85 -20.56
CA TRP A 286 7.31 -1.99 -20.05
C TRP A 286 8.41 -2.67 -19.21
N TYR A 287 8.08 -3.80 -18.56
CA TYR A 287 9.11 -4.65 -17.92
C TYR A 287 9.55 -5.75 -18.87
N LYS A 288 9.09 -5.67 -20.10
CA LYS A 288 9.58 -6.53 -21.19
C LYS A 288 9.28 -7.98 -20.91
N VAL A 289 8.06 -8.25 -20.45
CA VAL A 289 7.65 -9.62 -20.27
C VAL A 289 7.14 -10.17 -21.61
N VAL A 290 7.79 -11.27 -22.04
CA VAL A 290 7.50 -12.08 -23.23
C VAL A 290 8.10 -11.49 -24.50
N LYS B 4 -3.31 -33.12 -4.54
CA LYS B 4 -4.26 -32.27 -3.72
C LYS B 4 -3.76 -31.99 -2.30
N LEU B 5 -3.43 -30.74 -2.02
CA LEU B 5 -2.95 -30.33 -0.71
C LEU B 5 -4.10 -30.17 0.26
N HIS B 6 -3.81 -30.25 1.55
N HIS B 6 -3.80 -30.35 1.53
CA HIS B 6 -4.82 -30.08 2.62
CA HIS B 6 -4.71 -29.99 2.58
C HIS B 6 -4.32 -29.02 3.63
C HIS B 6 -4.11 -28.84 3.35
N LEU B 7 -4.91 -27.82 3.59
CA LEU B 7 -4.41 -26.67 4.33
C LEU B 7 -5.29 -26.38 5.53
N ARG B 8 -4.69 -26.14 6.69
CA ARG B 8 -5.47 -25.61 7.80
C ARG B 8 -5.39 -24.09 7.74
N VAL B 9 -6.54 -23.44 7.72
CA VAL B 9 -6.58 -21.98 7.52
C VAL B 9 -7.11 -21.29 8.77
N VAL B 10 -6.45 -20.23 9.20
CA VAL B 10 -6.96 -19.47 10.34
C VAL B 10 -7.62 -18.20 9.83
N THR B 11 -8.68 -17.80 10.50
CA THR B 11 -9.42 -16.61 10.11
C THR B 11 -9.80 -15.84 11.36
N LEU B 12 -10.40 -14.68 11.17
CA LEU B 12 -10.71 -13.79 12.26
C LEU B 12 -11.99 -13.10 11.78
N ILE B 13 -13.02 -13.04 12.62
CA ILE B 13 -14.32 -12.47 12.23
C ILE B 13 -14.21 -10.94 12.19
N GLU B 14 -14.44 -10.37 11.01
CA GLU B 14 -14.36 -8.93 10.79
C GLU B 14 -15.24 -8.57 9.61
N HIS B 15 -16.34 -7.86 9.86
CA HIS B 15 -17.32 -7.63 8.80
C HIS B 15 -16.78 -6.53 7.87
N PRO B 16 -17.04 -6.65 6.55
CA PRO B 16 -17.80 -7.70 5.84
C PRO B 16 -16.91 -8.76 5.19
N PHE B 17 -15.70 -8.91 5.74
CA PHE B 17 -14.70 -9.83 5.18
C PHE B 17 -14.91 -11.27 5.64
N VAL B 18 -15.27 -11.45 6.91
CA VAL B 18 -15.66 -12.73 7.46
C VAL B 18 -16.74 -12.49 8.52
N PHE B 19 -17.86 -13.21 8.38
CA PHE B 19 -18.97 -13.20 9.34
C PHE B 19 -19.11 -14.64 9.83
N THR B 20 -19.83 -14.86 10.93
CA THR B 20 -20.29 -16.22 11.25
C THR B 20 -21.82 -16.23 11.43
N ARG B 21 -22.38 -17.39 11.16
CA ARG B 21 -23.72 -17.69 11.62
C ARG B 21 -23.68 -19.09 12.21
N GLU B 22 -24.71 -19.45 12.96
CA GLU B 22 -24.81 -20.78 13.55
C GLU B 22 -25.09 -21.84 12.49
N VAL B 23 -24.66 -23.08 12.76
CA VAL B 23 -24.97 -24.22 11.88
C VAL B 23 -26.50 -24.40 11.85
N ASP B 24 -27.03 -24.91 10.75
CA ASP B 24 -28.48 -25.05 10.64
C ASP B 24 -29.03 -26.20 11.50
N ASP B 25 -30.32 -26.52 11.37
CA ASP B 25 -30.96 -27.67 12.04
C ASP B 25 -30.20 -29.00 11.93
N GLU B 26 -29.40 -29.16 10.88
CA GLU B 26 -28.74 -30.42 10.55
C GLU B 26 -27.24 -30.41 10.83
N GLY B 27 -26.72 -29.31 11.39
CA GLY B 27 -25.26 -29.16 11.58
C GLY B 27 -24.50 -28.81 10.30
N LEU B 28 -25.24 -28.38 9.28
CA LEU B 28 -24.66 -28.02 7.99
C LEU B 28 -24.63 -26.50 7.80
N CYS B 29 -23.91 -26.07 6.78
CA CYS B 29 -23.65 -24.66 6.53
C CYS B 29 -24.09 -24.26 5.14
N PRO B 30 -25.41 -24.22 4.89
CA PRO B 30 -25.83 -23.65 3.63
C PRO B 30 -25.25 -22.23 3.41
N ALA B 31 -24.74 -21.98 2.21
CA ALA B 31 -24.18 -20.66 1.87
C ALA B 31 -23.05 -20.21 2.80
N GLY B 32 -22.26 -21.16 3.29
CA GLY B 32 -21.13 -20.84 4.18
C GLY B 32 -20.09 -21.93 4.24
N GLN B 33 -19.10 -21.76 5.11
CA GLN B 33 -18.09 -22.78 5.29
C GLN B 33 -18.05 -23.16 6.74
N LEU B 34 -18.15 -24.46 6.98
CA LEU B 34 -18.03 -24.98 8.33
C LEU B 34 -16.65 -24.59 8.88
N CYS B 35 -16.66 -24.10 10.12
N CYS B 35 -16.66 -24.15 10.11
CA CYS B 35 -15.46 -23.54 10.76
CA CYS B 35 -15.43 -23.81 10.77
C CYS B 35 -15.53 -23.67 12.29
C CYS B 35 -15.55 -24.15 12.24
N LEU B 36 -14.42 -24.09 12.92
CA LEU B 36 -14.38 -24.30 14.36
C LEU B 36 -13.91 -23.04 15.07
N ASP B 37 -14.50 -22.80 16.25
CA ASP B 37 -14.16 -21.67 17.12
C ASP B 37 -13.74 -22.28 18.44
N PRO B 38 -12.57 -22.94 18.48
CA PRO B 38 -12.23 -23.78 19.63
C PRO B 38 -11.47 -23.08 20.75
N MET B 39 -11.12 -21.82 20.55
N MET B 39 -11.15 -21.81 20.53
CA MET B 39 -10.40 -21.03 21.55
CA MET B 39 -10.37 -21.01 21.46
C MET B 39 -9.07 -21.71 21.92
C MET B 39 -9.10 -21.71 21.90
N THR B 40 -8.22 -21.96 20.93
CA THR B 40 -6.92 -22.59 21.21
C THR B 40 -5.85 -22.14 20.23
N ASN B 41 -4.60 -22.12 20.66
CA ASN B 41 -3.50 -21.93 19.71
C ASN B 41 -2.63 -23.17 19.69
N ASP B 42 -3.16 -24.27 20.23
CA ASP B 42 -2.40 -25.52 20.32
C ASP B 42 -2.64 -26.36 19.07
N SER B 43 -1.57 -26.58 18.31
CA SER B 43 -1.70 -27.30 17.04
C SER B 43 -2.19 -28.76 17.21
N SER B 44 -1.77 -29.42 18.29
CA SER B 44 -2.23 -30.78 18.54
C SER B 44 -3.74 -30.83 18.84
N MET B 45 -4.24 -29.88 19.63
CA MET B 45 -5.68 -29.78 19.89
C MET B 45 -6.47 -29.67 18.58
N LEU B 46 -6.00 -28.80 17.68
CA LEU B 46 -6.67 -28.60 16.40
C LEU B 46 -6.66 -29.87 15.52
N ASP B 47 -5.49 -30.52 15.43
CA ASP B 47 -5.38 -31.85 14.78
C ASP B 47 -6.45 -32.80 15.31
N ARG B 48 -6.54 -32.88 16.64
CA ARG B 48 -7.46 -33.78 17.32
C ARG B 48 -8.89 -33.48 16.91
N LEU B 49 -9.27 -32.20 17.02
CA LEU B 49 -10.63 -31.73 16.70
C LEU B 49 -10.96 -31.91 15.22
N PHE B 50 -10.07 -31.47 14.34
CA PHE B 50 -10.39 -31.65 12.93
C PHE B 50 -10.55 -33.13 12.54
N SER B 51 -9.79 -34.01 13.19
CA SER B 51 -9.95 -35.47 13.01
C SER B 51 -11.33 -35.99 13.42
N SER B 52 -11.82 -35.60 14.59
CA SER B 52 -13.17 -36.00 15.03
C SER B 52 -14.20 -35.49 14.04
N LEU B 53 -14.06 -34.23 13.64
CA LEU B 53 -14.96 -33.60 12.69
C LEU B 53 -15.06 -34.40 11.39
N HIS B 54 -13.91 -34.90 10.91
CA HIS B 54 -13.86 -35.64 9.66
C HIS B 54 -14.25 -37.14 9.77
N SER B 55 -13.97 -37.75 10.91
CA SER B 55 -14.29 -39.17 11.14
C SER B 55 -15.80 -39.43 11.18
N SER B 56 -16.18 -40.69 10.99
CA SER B 56 -17.59 -41.09 11.07
C SER B 56 -18.13 -41.12 12.51
N ASN B 57 -17.34 -40.56 13.42
CA ASN B 57 -17.75 -40.39 14.82
C ASN B 57 -17.38 -39.00 15.33
N ASP B 58 -18.12 -38.00 14.83
CA ASP B 58 -17.93 -36.59 15.19
C ASP B 58 -18.35 -36.30 16.63
N THR B 59 -17.36 -36.06 17.50
CA THR B 59 -17.63 -35.74 18.89
C THR B 59 -17.19 -34.32 19.25
N VAL B 60 -16.90 -33.53 18.21
CA VAL B 60 -16.54 -32.13 18.38
C VAL B 60 -17.69 -31.42 19.07
N PRO B 61 -17.40 -30.70 20.18
CA PRO B 61 -18.44 -29.95 20.88
C PRO B 61 -19.17 -29.01 19.92
N ILE B 62 -20.50 -29.14 19.85
CA ILE B 62 -21.33 -28.38 18.91
C ILE B 62 -21.22 -26.87 19.08
N LYS B 63 -20.82 -26.43 20.28
CA LYS B 63 -20.56 -25.00 20.55
C LYS B 63 -19.38 -24.45 19.75
N PHE B 64 -18.43 -25.33 19.38
CA PHE B 64 -17.26 -24.90 18.57
C PHE B 64 -17.60 -24.76 17.08
N LYS B 65 -18.72 -25.33 16.65
CA LYS B 65 -19.04 -25.37 15.24
C LYS B 65 -19.78 -24.12 14.81
N LYS B 66 -19.30 -23.48 13.73
CA LYS B 66 -19.95 -22.30 13.16
C LYS B 66 -19.88 -22.33 11.63
N CYS B 67 -20.65 -21.46 10.99
CA CYS B 67 -20.56 -21.26 9.54
C CYS B 67 -19.96 -19.91 9.21
N CYS B 68 -18.83 -19.93 8.53
N CYS B 68 -18.80 -19.94 8.56
CA CYS B 68 -18.12 -18.72 8.16
CA CYS B 68 -18.12 -18.74 8.08
C CYS B 68 -18.49 -18.32 6.72
C CYS B 68 -18.67 -18.32 6.72
N TYR B 69 -18.73 -17.03 6.49
CA TYR B 69 -19.08 -16.52 5.16
C TYR B 69 -18.55 -15.11 4.98
N GLY B 70 -18.48 -14.65 3.74
CA GLY B 70 -18.11 -13.24 3.48
C GLY B 70 -17.13 -13.12 2.35
N TYR B 71 -16.62 -11.90 2.17
CA TYR B 71 -15.72 -11.58 1.06
C TYR B 71 -14.56 -12.55 1.06
N CYS B 72 -13.97 -12.76 2.23
CA CYS B 72 -12.70 -13.52 2.28
C CYS B 72 -12.98 -15.01 2.17
N ILE B 73 -14.19 -15.39 2.53
CA ILE B 73 -14.56 -16.79 2.40
C ILE B 73 -14.81 -17.11 0.92
N ASP B 74 -15.56 -16.24 0.21
CA ASP B 74 -15.69 -16.36 -1.26
C ASP B 74 -14.32 -16.50 -1.92
N LEU B 75 -13.33 -15.71 -1.46
CA LEU B 75 -12.01 -15.72 -2.08
C LEU B 75 -11.29 -17.03 -1.79
N LEU B 76 -11.40 -17.48 -0.53
CA LEU B 76 -10.78 -18.73 -0.09
C LEU B 76 -11.37 -19.91 -0.90
N GLU B 77 -12.67 -19.91 -1.11
CA GLU B 77 -13.30 -20.99 -1.89
C GLU B 77 -12.83 -21.03 -3.33
N GLN B 78 -12.68 -19.88 -3.96
CA GLN B 78 -12.14 -19.82 -5.33
C GLN B 78 -10.65 -20.24 -5.41
N LEU B 79 -9.86 -19.83 -4.43
CA LEU B 79 -8.45 -20.29 -4.38
C LEU B 79 -8.35 -21.80 -4.21
N ALA B 80 -9.16 -22.35 -3.32
CA ALA B 80 -9.21 -23.80 -3.12
C ALA B 80 -9.48 -24.53 -4.45
N GLU B 81 -10.45 -24.03 -5.21
CA GLU B 81 -10.79 -24.65 -6.52
C GLU B 81 -9.64 -24.55 -7.50
N ASP B 82 -9.11 -23.34 -7.72
CA ASP B 82 -8.07 -23.14 -8.71
C ASP B 82 -6.72 -23.75 -8.39
N MET B 83 -6.40 -23.84 -7.09
CA MET B 83 -5.16 -24.50 -6.69
C MET B 83 -5.33 -25.93 -6.25
N ASN B 84 -6.57 -26.41 -6.22
CA ASN B 84 -6.84 -27.81 -5.89
C ASN B 84 -6.31 -28.15 -4.52
N PHE B 85 -6.75 -27.39 -3.52
CA PHE B 85 -6.53 -27.84 -2.15
C PHE B 85 -7.88 -27.94 -1.43
N ASP B 86 -7.95 -28.79 -0.42
CA ASP B 86 -9.04 -28.65 0.53
C ASP B 86 -8.51 -28.07 1.82
N PHE B 87 -9.41 -27.70 2.73
CA PHE B 87 -8.95 -26.90 3.86
C PHE B 87 -9.83 -27.12 5.06
N ASP B 88 -9.25 -26.94 6.24
CA ASP B 88 -10.03 -26.89 7.44
C ASP B 88 -9.92 -25.43 7.85
N LEU B 89 -11.00 -24.88 8.41
CA LEU B 89 -11.02 -23.46 8.77
C LEU B 89 -11.31 -23.27 10.26
N TYR B 90 -10.52 -22.47 10.94
CA TYR B 90 -10.79 -22.19 12.36
C TYR B 90 -10.56 -20.71 12.65
N ILE B 91 -11.19 -20.27 13.75
CA ILE B 91 -11.14 -18.90 14.20
C ILE B 91 -10.02 -18.74 15.25
N VAL B 92 -9.13 -17.79 15.00
CA VAL B 92 -7.96 -17.54 15.86
C VAL B 92 -8.43 -17.44 17.34
N GLY B 93 -7.80 -18.19 18.22
CA GLY B 93 -8.27 -18.31 19.59
C GLY B 93 -8.29 -17.01 20.37
N ASP B 94 -7.29 -16.14 20.14
CA ASP B 94 -7.20 -14.91 20.94
C ASP B 94 -7.93 -13.73 20.27
N GLY B 95 -8.46 -13.96 19.07
CA GLY B 95 -9.26 -12.95 18.39
C GLY B 95 -8.45 -11.78 17.85
N LYS B 96 -7.11 -11.92 17.83
CA LYS B 96 -6.22 -10.82 17.41
C LYS B 96 -5.57 -11.07 16.06
N TYR B 97 -5.31 -9.99 15.31
CA TYR B 97 -4.54 -10.09 14.06
C TYR B 97 -3.11 -10.43 14.40
N GLY B 98 -2.59 -9.81 15.45
CA GLY B 98 -1.25 -10.18 15.92
C GLY B 98 -0.22 -9.07 16.03
N ALA B 99 0.53 -9.15 17.12
CA ALA B 99 1.57 -8.21 17.48
C ALA B 99 2.68 -8.91 18.25
N TRP B 100 3.82 -8.24 18.37
CA TRP B 100 4.92 -8.71 19.18
C TRP B 100 4.63 -8.31 20.63
N LYS B 101 4.40 -9.28 21.49
CA LYS B 101 4.03 -9.01 22.87
C LYS B 101 4.72 -10.07 23.71
N ASN B 102 5.31 -9.67 24.84
CA ASN B 102 5.93 -10.63 25.78
C ASN B 102 6.88 -11.58 25.06
N GLY B 103 7.63 -11.06 24.11
CA GLY B 103 8.60 -11.86 23.38
C GLY B 103 8.11 -12.92 22.42
N HIS B 104 6.87 -12.79 21.92
CA HIS B 104 6.36 -13.69 20.87
C HIS B 104 5.31 -12.97 20.02
N TRP B 105 4.95 -13.53 18.87
CA TRP B 105 3.89 -12.95 18.07
C TRP B 105 2.57 -13.55 18.51
N THR B 106 1.55 -12.71 18.61
CA THR B 106 0.22 -13.17 18.96
C THR B 106 -0.63 -13.36 17.71
N GLY B 107 -1.91 -13.73 17.92
CA GLY B 107 -2.89 -13.76 16.86
C GLY B 107 -2.57 -14.64 15.67
N LEU B 108 -2.98 -14.15 14.49
CA LEU B 108 -2.75 -14.83 13.22
C LEU B 108 -1.29 -15.04 12.94
N VAL B 109 -0.51 -14.00 13.20
CA VAL B 109 0.94 -14.06 13.00
C VAL B 109 1.55 -15.20 13.80
N GLY B 110 1.26 -15.28 15.11
CA GLY B 110 1.71 -16.40 15.91
C GLY B 110 1.29 -17.77 15.43
N ASP B 111 0.03 -17.93 14.99
CA ASP B 111 -0.40 -19.25 14.50
C ASP B 111 0.38 -19.66 13.25
N LEU B 112 0.72 -18.70 12.40
CA LEU B 112 1.52 -19.00 11.19
C LEU B 112 2.93 -19.40 11.58
N LEU B 113 3.50 -18.68 12.55
CA LEU B 113 4.90 -18.92 12.94
C LEU B 113 5.12 -20.18 13.75
N SER B 114 4.10 -20.65 14.47
CA SER B 114 4.20 -21.83 15.32
C SER B 114 3.80 -23.07 14.54
N GLY B 115 3.27 -22.87 13.36
CA GLY B 115 2.82 -23.98 12.54
C GLY B 115 1.41 -24.44 12.84
N THR B 116 0.68 -23.70 13.67
CA THR B 116 -0.69 -24.02 14.05
C THR B 116 -1.66 -23.85 12.87
N ALA B 117 -1.36 -22.90 11.98
CA ALA B 117 -2.14 -22.65 10.76
C ALA B 117 -1.19 -22.67 9.58
N ASN B 118 -1.65 -23.16 8.42
CA ASN B 118 -0.85 -23.11 7.18
C ASN B 118 -1.01 -21.79 6.47
N MET B 119 -2.16 -21.16 6.65
CA MET B 119 -2.51 -19.94 5.93
C MET B 119 -3.50 -19.11 6.72
N ALA B 120 -3.42 -17.78 6.59
CA ALA B 120 -4.36 -16.89 7.28
C ALA B 120 -5.13 -16.03 6.28
N VAL B 121 -6.46 -16.07 6.36
CA VAL B 121 -7.31 -15.43 5.36
C VAL B 121 -8.39 -14.61 6.12
N THR B 122 -8.26 -13.29 6.06
CA THR B 122 -9.24 -12.36 6.64
C THR B 122 -8.73 -10.97 6.21
N SER B 123 -9.26 -9.91 6.84
CA SER B 123 -8.85 -8.53 6.54
C SER B 123 -7.49 -8.24 7.23
N PHE B 124 -6.43 -8.84 6.69
CA PHE B 124 -5.10 -8.93 7.37
C PHE B 124 -4.12 -7.97 6.71
N SER B 125 -3.71 -6.91 7.43
CA SER B 125 -2.81 -5.86 6.85
C SER B 125 -1.37 -6.28 6.72
N ILE B 126 -0.83 -5.95 5.55
CA ILE B 126 0.57 -6.13 5.24
C ILE B 126 1.29 -4.92 5.77
N ASN B 127 2.09 -5.09 6.80
CA ASN B 127 2.87 -3.95 7.25
C ASN B 127 4.32 -4.38 7.30
N THR B 128 5.22 -3.42 7.56
CA THR B 128 6.64 -3.69 7.56
C THR B 128 7.03 -4.69 8.65
N ALA B 129 6.50 -4.55 9.87
CA ALA B 129 6.92 -5.47 10.97
C ALA B 129 6.59 -6.92 10.66
N ARG B 130 5.34 -7.18 10.27
CA ARG B 130 4.94 -8.54 9.93
C ARG B 130 5.71 -9.11 8.73
N SER B 131 6.03 -8.26 7.76
CA SER B 131 6.66 -8.72 6.54
C SER B 131 8.07 -9.23 6.83
N GLN B 132 8.62 -8.87 8.00
CA GLN B 132 9.96 -9.37 8.36
C GLN B 132 9.89 -10.80 8.83
N VAL B 133 8.68 -11.30 9.15
CA VAL B 133 8.59 -12.62 9.81
C VAL B 133 7.70 -13.65 9.09
N ILE B 134 6.70 -13.18 8.33
CA ILE B 134 5.82 -14.08 7.55
C ILE B 134 5.75 -13.57 6.13
N ASP B 135 5.32 -14.47 5.23
CA ASP B 135 5.03 -14.13 3.83
C ASP B 135 3.65 -13.52 3.74
N PHE B 136 3.53 -12.50 2.89
CA PHE B 136 2.21 -12.08 2.42
C PHE B 136 2.12 -12.26 0.92
N THR B 137 0.90 -12.59 0.45
CA THR B 137 0.66 -12.63 -0.99
C THR B 137 0.56 -11.20 -1.49
N SER B 138 0.50 -11.03 -2.81
CA SER B 138 0.00 -9.76 -3.39
C SER B 138 -1.32 -9.34 -2.70
N PRO B 139 -1.53 -8.03 -2.53
CA PRO B 139 -2.75 -7.62 -1.84
C PRO B 139 -4.02 -7.83 -2.66
N PHE B 140 -5.10 -8.22 -1.98
CA PHE B 140 -6.38 -8.32 -2.62
C PHE B 140 -7.26 -7.10 -2.38
N PHE B 141 -6.81 -6.21 -1.48
CA PHE B 141 -7.59 -5.03 -1.06
C PHE B 141 -6.59 -4.02 -0.51
N SER B 142 -7.00 -2.76 -0.45
CA SER B 142 -6.18 -1.67 0.09
C SER B 142 -7.05 -0.76 0.95
N THR B 143 -6.51 -0.29 2.08
CA THR B 143 -7.27 0.63 2.94
C THR B 143 -6.36 1.56 3.73
N SER B 144 -6.76 2.82 3.85
CA SER B 144 -6.16 3.76 4.76
C SER B 144 -6.64 3.40 6.17
N LEU B 145 -5.92 3.85 7.21
CA LEU B 145 -6.52 3.92 8.54
C LEU B 145 -7.53 5.06 8.51
N GLY B 146 -8.53 5.00 9.39
CA GLY B 146 -9.60 5.97 9.38
C GLY B 146 -10.00 6.30 10.81
N ILE B 147 -10.85 7.30 10.97
CA ILE B 147 -11.22 7.75 12.30
C ILE B 147 -12.71 7.95 12.33
N LEU B 148 -13.39 7.21 13.21
CA LEU B 148 -14.83 7.24 13.32
C LEU B 148 -15.22 8.14 14.50
N VAL B 149 -16.17 9.03 14.27
CA VAL B 149 -16.63 9.94 15.33
C VAL B 149 -18.12 10.06 15.17
N ARG B 150 -18.77 10.75 16.12
CA ARG B 150 -20.18 11.02 16.01
C ARG B 150 -20.44 12.22 15.12
N THR B 151 -21.58 12.23 14.43
CA THR B 151 -22.04 13.43 13.76
C THR B 151 -22.23 14.53 14.80
N ARG B 152 -21.84 15.77 14.48
CA ARG B 152 -21.90 16.90 15.42
C ARG B 152 -21.09 16.65 16.71
N GLY B 153 -20.09 15.80 16.62
CA GLY B 153 -19.25 15.46 17.76
C GLY B 153 -17.84 16.00 17.57
N THR B 154 -16.87 15.13 17.79
CA THR B 154 -15.46 15.49 17.68
C THR B 154 -15.12 15.74 16.20
N GLU B 155 -14.44 16.86 15.92
CA GLU B 155 -13.91 17.16 14.58
C GLU B 155 -12.42 16.96 14.59
N LEU B 156 -11.91 16.30 13.56
CA LEU B 156 -10.50 15.98 13.46
C LEU B 156 -10.02 16.09 12.02
N SER B 157 -8.86 16.69 11.84
CA SER B 157 -8.28 16.88 10.52
C SER B 157 -7.63 15.61 10.00
N GLY B 158 -7.36 14.67 10.91
CA GLY B 158 -6.59 13.48 10.60
C GLY B 158 -5.65 13.14 11.76
N ILE B 159 -4.67 12.31 11.47
CA ILE B 159 -3.85 11.74 12.55
C ILE B 159 -2.90 12.78 13.17
N HIS B 160 -2.66 13.91 12.48
CA HIS B 160 -1.87 15.02 13.04
C HIS B 160 -2.71 16.08 13.75
N ASP B 161 -4.00 15.86 13.95
CA ASP B 161 -4.77 16.84 14.70
C ASP B 161 -4.17 17.08 16.09
N PRO B 162 -3.92 18.36 16.47
CA PRO B 162 -3.37 18.66 17.81
C PRO B 162 -4.19 18.11 19.00
N LYS B 163 -5.47 17.81 18.76
CA LYS B 163 -6.34 17.21 19.79
C LYS B 163 -5.93 15.79 20.16
N LEU B 164 -5.24 15.11 19.22
CA LEU B 164 -4.71 13.76 19.43
C LEU B 164 -3.30 13.81 20.01
N HIS B 165 -2.53 14.84 19.67
CA HIS B 165 -1.14 14.94 20.14
C HIS B 165 -0.97 15.69 21.43
N HIS B 166 -1.91 16.58 21.72
CA HIS B 166 -1.93 17.31 22.97
C HIS B 166 -3.34 17.23 23.52
N PRO B 167 -3.75 16.00 23.90
CA PRO B 167 -5.14 15.77 24.25
C PRO B 167 -5.55 16.36 25.58
N SER B 168 -6.72 17.00 25.57
CA SER B 168 -7.37 17.32 26.81
C SER B 168 -7.65 16.00 27.53
N GLN B 169 -7.46 16.01 28.84
N GLN B 169 -7.44 16.00 28.84
CA GLN B 169 -7.93 14.89 29.64
CA GLN B 169 -7.91 14.92 29.68
C GLN B 169 -9.43 14.82 29.42
C GLN B 169 -9.43 14.83 29.43
N GLY B 170 -9.97 13.62 29.39
CA GLY B 170 -11.39 13.45 29.11
C GLY B 170 -11.69 13.29 27.64
N PHE B 171 -10.67 13.47 26.79
CA PHE B 171 -10.81 13.15 25.37
C PHE B 171 -10.39 11.68 25.20
N ARG B 172 -11.34 10.85 24.79
CA ARG B 172 -11.15 9.41 24.86
C ARG B 172 -11.10 8.87 23.44
N PHE B 173 -9.93 8.35 23.05
CA PHE B 173 -9.81 7.71 21.74
C PHE B 173 -8.92 6.48 21.84
N GLY B 174 -9.19 5.51 20.99
CA GLY B 174 -8.52 4.19 21.06
C GLY B 174 -8.58 3.49 19.71
N THR B 175 -7.88 2.36 19.60
CA THR B 175 -7.88 1.56 18.40
C THR B 175 -7.97 0.12 18.87
N VAL B 176 -7.79 -0.84 17.98
CA VAL B 176 -7.91 -2.26 18.34
C VAL B 176 -6.57 -2.78 18.82
N ARG B 177 -6.57 -3.42 19.99
N ARG B 177 -6.57 -3.46 19.96
CA ARG B 177 -5.38 -4.05 20.53
CA ARG B 177 -5.37 -4.05 20.54
C ARG B 177 -4.73 -4.99 19.51
C ARG B 177 -4.71 -5.11 19.63
N GLU B 178 -3.40 -5.03 19.47
CA GLU B 178 -2.63 -6.05 18.71
C GLU B 178 -3.00 -6.07 17.24
N SER B 179 -3.27 -4.89 16.68
CA SER B 179 -3.60 -4.72 15.26
C SER B 179 -2.51 -3.87 14.61
N SER B 180 -2.55 -3.73 13.28
CA SER B 180 -1.53 -2.90 12.63
C SER B 180 -1.76 -1.44 12.91
N ALA B 181 -2.99 -1.10 13.32
CA ALA B 181 -3.33 0.29 13.65
C ALA B 181 -2.62 0.65 14.94
N GLU B 182 -2.61 -0.28 15.90
CA GLU B 182 -1.86 -0.07 17.15
C GLU B 182 -0.35 -0.01 16.88
N ASP B 183 0.17 -0.88 16.01
N ASP B 183 0.16 -0.93 16.05
CA ASP B 183 1.60 -0.88 15.67
CA ASP B 183 1.55 -0.94 15.58
C ASP B 183 2.03 0.39 14.93
C ASP B 183 1.93 0.47 15.09
N TYR B 184 1.10 0.99 14.19
CA TYR B 184 1.36 2.25 13.52
C TYR B 184 1.40 3.36 14.55
N VAL B 185 0.42 3.41 15.45
CA VAL B 185 0.48 4.47 16.49
C VAL B 185 1.69 4.30 17.40
N ARG B 186 1.97 3.07 17.81
CA ARG B 186 3.09 2.81 18.70
C ARG B 186 4.39 3.27 18.07
N GLN B 187 4.58 2.98 16.79
CA GLN B 187 5.83 3.25 16.10
C GLN B 187 6.03 4.74 15.78
N SER B 188 4.97 5.38 15.32
CA SER B 188 5.08 6.73 14.83
C SER B 188 4.81 7.78 15.90
N PHE B 189 3.89 7.48 16.82
CA PHE B 189 3.51 8.45 17.83
C PHE B 189 3.50 7.83 19.23
N PRO B 190 4.70 7.51 19.77
CA PRO B 190 4.82 6.81 21.06
C PRO B 190 4.04 7.45 22.21
N GLU B 191 4.02 8.78 22.29
CA GLU B 191 3.30 9.44 23.37
C GLU B 191 1.79 9.37 23.18
N MET B 192 1.35 9.37 21.92
CA MET B 192 -0.06 9.21 21.62
C MET B 192 -0.48 7.79 21.98
N HIS B 193 0.41 6.83 21.73
CA HIS B 193 0.13 5.44 22.08
C HIS B 193 -0.02 5.30 23.60
N GLU B 194 0.86 5.96 24.35
CA GLU B 194 0.85 5.85 25.82
C GLU B 194 -0.44 6.41 26.40
N TYR B 195 -0.96 7.46 25.76
CA TYR B 195 -2.26 8.04 26.11
C TYR B 195 -3.44 7.10 25.79
N MET B 196 -3.42 6.55 24.58
CA MET B 196 -4.47 5.67 24.04
C MET B 196 -4.66 4.32 24.68
N ARG B 197 -3.56 3.75 25.17
CA ARG B 197 -3.48 2.40 25.69
C ARG B 197 -4.66 1.97 26.54
N ARG B 198 -5.02 2.79 27.51
CA ARG B 198 -6.09 2.40 28.41
C ARG B 198 -7.43 2.30 27.66
N TYR B 199 -7.53 3.00 26.52
CA TYR B 199 -8.76 3.09 25.70
C TYR B 199 -8.89 2.07 24.58
N ASN B 200 -7.80 1.34 24.31
CA ASN B 200 -7.81 0.39 23.20
C ASN B 200 -8.74 -0.78 23.52
N VAL B 201 -9.32 -1.38 22.47
CA VAL B 201 -10.35 -2.42 22.61
C VAL B 201 -9.92 -3.77 21.98
N PRO B 202 -10.49 -4.89 22.44
CA PRO B 202 -10.24 -6.23 21.87
C PRO B 202 -10.57 -6.41 20.38
N ALA B 203 -11.64 -5.78 19.88
CA ALA B 203 -12.08 -5.98 18.49
C ALA B 203 -12.84 -4.74 17.99
N THR B 204 -12.96 -4.62 16.66
CA THR B 204 -13.61 -3.45 16.05
C THR B 204 -15.03 -3.14 16.58
N PRO B 205 -15.91 -4.16 16.73
CA PRO B 205 -17.28 -3.87 17.19
C PRO B 205 -17.35 -3.21 18.56
N ASP B 206 -16.40 -3.51 19.43
CA ASP B 206 -16.29 -2.90 20.73
C ASP B 206 -16.10 -1.39 20.60
N GLY B 207 -15.17 -0.97 19.75
CA GLY B 207 -14.88 0.45 19.57
C GLY B 207 -16.06 1.17 18.97
N VAL B 208 -16.73 0.51 18.04
CA VAL B 208 -17.91 1.06 17.40
C VAL B 208 -19.02 1.28 18.44
N GLN B 209 -19.21 0.28 19.32
N GLN B 209 -19.22 0.28 19.32
CA GLN B 209 -20.18 0.33 20.40
CA GLN B 209 -20.21 0.34 20.40
C GLN B 209 -19.91 1.46 21.38
C GLN B 209 -19.92 1.45 21.41
N TYR B 210 -18.64 1.61 21.76
CA TYR B 210 -18.25 2.66 22.72
C TYR B 210 -18.48 4.06 22.20
N LEU B 211 -18.36 4.20 20.88
CA LEU B 211 -18.59 5.47 20.22
C LEU B 211 -20.07 5.75 20.07
N LYS B 212 -20.80 4.72 19.65
CA LYS B 212 -22.17 4.86 19.18
C LYS B 212 -23.18 4.91 20.30
N ASN B 213 -22.95 4.14 21.36
CA ASN B 213 -23.93 4.06 22.43
C ASN B 213 -23.85 5.18 23.46
N ASP B 214 -24.96 5.43 24.15
CA ASP B 214 -25.00 6.35 25.27
C ASP B 214 -25.15 5.58 26.58
N PRO B 215 -24.48 6.06 27.66
CA PRO B 215 -23.47 7.12 27.63
C PRO B 215 -22.25 6.75 26.74
N GLU B 216 -21.78 7.75 25.99
CA GLU B 216 -20.62 7.60 25.12
C GLU B 216 -19.36 7.27 25.93
N LYS B 217 -18.57 6.30 25.46
CA LYS B 217 -17.29 5.93 26.11
C LYS B 217 -15.97 6.23 25.34
N LEU B 218 -16.08 6.48 24.03
CA LEU B 218 -14.99 6.98 23.17
C LEU B 218 -15.52 8.18 22.41
N ASP B 219 -14.69 9.19 22.26
CA ASP B 219 -14.99 10.34 21.39
C ASP B 219 -14.57 10.06 19.92
N ALA B 220 -13.59 9.17 19.73
CA ALA B 220 -13.12 8.81 18.38
C ALA B 220 -12.53 7.43 18.44
N PHE B 221 -12.62 6.70 17.34
CA PHE B 221 -12.16 5.34 17.27
C PHE B 221 -11.36 5.20 16.01
N ILE B 222 -10.10 4.77 16.15
CA ILE B 222 -9.21 4.66 15.01
C ILE B 222 -9.14 3.21 14.53
N MET B 223 -9.39 2.99 13.24
CA MET B 223 -9.30 1.63 12.67
C MET B 223 -9.27 1.67 11.13
N ASP B 224 -9.02 0.52 10.48
CA ASP B 224 -9.05 0.44 9.00
C ASP B 224 -10.30 1.15 8.45
N LYS B 225 -10.08 2.10 7.54
CA LYS B 225 -11.21 2.81 6.94
C LYS B 225 -12.15 1.86 6.20
N ALA B 226 -11.62 0.82 5.58
CA ALA B 226 -12.49 -0.15 4.90
C ALA B 226 -13.53 -0.72 5.87
N LEU B 227 -13.11 -0.89 7.13
CA LEU B 227 -13.99 -1.45 8.16
C LEU B 227 -14.99 -0.43 8.73
N LEU B 228 -14.52 0.77 8.98
CA LEU B 228 -15.36 1.86 9.50
C LEU B 228 -16.40 2.29 8.46
N ASP B 229 -16.00 2.37 7.19
CA ASP B 229 -16.97 2.66 6.11
C ASP B 229 -18.12 1.67 6.08
N TYR B 230 -17.83 0.39 6.34
CA TYR B 230 -18.86 -0.65 6.38
C TYR B 230 -19.87 -0.34 7.49
N GLU B 231 -19.35 -0.08 8.68
CA GLU B 231 -20.16 0.29 9.83
C GLU B 231 -21.00 1.54 9.56
N VAL B 232 -20.41 2.54 8.96
CA VAL B 232 -21.15 3.77 8.63
C VAL B 232 -22.31 3.47 7.66
N SER B 233 -22.07 2.60 6.68
CA SER B 233 -23.08 2.26 5.65
C SER B 233 -24.30 1.52 6.19
N ILE B 234 -24.17 0.85 7.33
CA ILE B 234 -25.28 0.15 7.96
C ILE B 234 -25.78 0.90 9.21
N ASP B 235 -25.20 2.06 9.48
CA ASP B 235 -25.66 2.92 10.57
C ASP B 235 -26.97 3.54 10.10
N ALA B 236 -28.08 2.95 10.57
CA ALA B 236 -29.43 3.38 10.20
C ALA B 236 -29.73 4.79 10.72
N ASP B 237 -29.27 5.05 11.95
CA ASP B 237 -29.49 6.32 12.63
C ASP B 237 -28.70 7.46 12.01
N CYS B 238 -27.69 7.11 11.21
CA CYS B 238 -26.80 8.10 10.57
C CYS B 238 -26.15 9.07 11.58
N LYS B 239 -25.66 8.50 12.69
CA LYS B 239 -25.03 9.26 13.75
C LYS B 239 -23.49 9.08 13.82
N LEU B 240 -22.93 8.47 12.78
CA LEU B 240 -21.50 8.14 12.71
C LEU B 240 -20.93 8.64 11.40
N LEU B 241 -19.70 9.14 11.44
CA LEU B 241 -18.96 9.40 10.20
C LEU B 241 -17.48 9.18 10.37
N THR B 242 -16.78 9.07 9.24
CA THR B 242 -15.34 9.02 9.24
C THR B 242 -14.78 10.38 8.82
N VAL B 243 -13.66 10.78 9.43
CA VAL B 243 -13.15 12.12 9.27
C VAL B 243 -11.65 12.08 9.01
N GLY B 244 -11.15 13.15 8.40
CA GLY B 244 -9.72 13.38 8.35
C GLY B 244 -9.08 12.89 7.08
N LYS B 245 -7.80 13.26 6.90
CA LYS B 245 -7.03 12.90 5.73
C LYS B 245 -6.61 11.42 5.85
N PRO B 246 -6.35 10.77 4.71
CA PRO B 246 -5.84 9.42 4.83
C PRO B 246 -4.49 9.35 5.50
N PHE B 247 -4.16 8.17 6.04
CA PHE B 247 -2.90 7.91 6.72
C PHE B 247 -2.70 6.40 6.86
N ALA B 248 -1.44 5.97 6.81
CA ALA B 248 -1.07 4.55 7.07
C ALA B 248 -1.82 3.57 6.17
N ILE B 249 -1.78 3.84 4.87
CA ILE B 249 -2.44 3.00 3.88
C ILE B 249 -1.71 1.67 3.80
N GLU B 250 -2.44 0.56 3.93
CA GLU B 250 -1.84 -0.75 3.89
C GLU B 250 -2.70 -1.63 3.01
N GLY B 251 -2.09 -2.62 2.33
CA GLY B 251 -2.86 -3.63 1.67
C GLY B 251 -3.32 -4.72 2.64
N TYR B 252 -4.36 -5.46 2.24
CA TYR B 252 -4.72 -6.72 2.89
C TYR B 252 -4.17 -7.86 2.03
N GLY B 253 -3.56 -8.83 2.68
CA GLY B 253 -3.00 -9.96 1.95
C GLY B 253 -3.28 -11.23 2.69
N ILE B 254 -3.09 -12.36 2.02
CA ILE B 254 -3.16 -13.67 2.67
C ILE B 254 -1.78 -13.93 3.32
N GLY B 255 -1.77 -14.37 4.58
CA GLY B 255 -0.53 -14.61 5.26
C GLY B 255 -0.17 -16.08 5.18
N LEU B 256 1.12 -16.34 5.00
CA LEU B 256 1.68 -17.69 4.93
C LEU B 256 3.01 -17.71 5.70
N PRO B 257 3.52 -18.92 6.04
CA PRO B 257 4.83 -18.93 6.70
C PRO B 257 5.91 -18.33 5.78
N PRO B 258 6.99 -17.84 6.38
CA PRO B 258 7.95 -17.16 5.52
C PRO B 258 8.58 -18.14 4.51
N ASN B 259 8.76 -17.66 3.28
CA ASN B 259 9.40 -18.44 2.20
C ASN B 259 8.54 -19.66 1.84
N SER B 260 7.21 -19.51 2.01
CA SER B 260 6.30 -20.57 1.65
C SER B 260 6.33 -20.78 0.12
N PRO B 261 6.41 -22.03 -0.32
CA PRO B 261 6.33 -22.24 -1.77
C PRO B 261 4.93 -21.98 -2.38
N LEU B 262 3.91 -21.76 -1.54
CA LEU B 262 2.55 -21.49 -2.02
C LEU B 262 2.31 -20.02 -2.33
N THR B 263 3.08 -19.14 -1.71
CA THR B 263 2.88 -17.69 -1.88
C THR B 263 2.79 -17.20 -3.33
N SER B 264 3.75 -17.57 -4.18
CA SER B 264 3.76 -17.07 -5.56
C SER B 264 2.53 -17.54 -6.35
N ASN B 265 2.08 -18.78 -6.15
CA ASN B 265 0.91 -19.33 -6.83
C ASN B 265 -0.37 -18.63 -6.41
N ILE B 266 -0.54 -18.41 -5.10
CA ILE B 266 -1.69 -17.66 -4.58
C ILE B 266 -1.67 -16.21 -5.07
N SER B 267 -0.49 -15.58 -5.06
CA SER B 267 -0.36 -14.20 -5.55
C SER B 267 -0.71 -14.09 -7.03
N GLU B 268 -0.26 -15.05 -7.83
CA GLU B 268 -0.60 -15.09 -9.24
C GLU B 268 -2.11 -15.19 -9.45
N LEU B 269 -2.78 -16.03 -8.67
CA LEU B 269 -4.23 -16.13 -8.75
C LEU B 269 -4.95 -14.80 -8.36
N ILE B 270 -4.54 -14.23 -7.24
CA ILE B 270 -5.05 -12.93 -6.80
C ILE B 270 -4.89 -11.87 -7.87
N SER B 271 -3.72 -11.81 -8.49
CA SER B 271 -3.50 -10.89 -9.60
C SER B 271 -4.45 -11.14 -10.76
N GLN B 272 -4.64 -12.41 -11.16
CA GLN B 272 -5.62 -12.73 -12.21
C GLN B 272 -7.05 -12.40 -11.79
N TYR B 273 -7.37 -12.63 -10.52
CA TYR B 273 -8.70 -12.32 -10.01
C TYR B 273 -8.97 -10.82 -10.14
N LYS B 274 -7.99 -10.01 -9.70
CA LYS B 274 -8.08 -8.54 -9.76
C LYS B 274 -8.27 -8.08 -11.19
N SER B 275 -7.42 -8.58 -12.09
CA SER B 275 -7.40 -8.11 -13.46
C SER B 275 -8.54 -8.69 -14.33
N HIS B 276 -9.33 -9.57 -13.74
CA HIS B 276 -10.56 -10.07 -14.36
C HIS B 276 -11.86 -9.68 -13.62
N GLY B 277 -11.76 -8.72 -12.71
CA GLY B 277 -12.95 -8.07 -12.14
C GLY B 277 -13.55 -8.77 -10.91
N PHE B 278 -12.93 -9.86 -10.49
CA PHE B 278 -13.46 -10.64 -9.37
C PHE B 278 -13.44 -9.87 -8.06
N MET B 279 -12.43 -9.05 -7.84
CA MET B 279 -12.43 -8.24 -6.62
C MET B 279 -13.49 -7.14 -6.62
N ASP B 280 -13.86 -6.64 -7.80
CA ASP B 280 -14.98 -5.70 -7.95
C ASP B 280 -16.28 -6.41 -7.58
N VAL B 281 -16.46 -7.64 -8.10
CA VAL B 281 -17.63 -8.48 -7.80
C VAL B 281 -17.78 -8.68 -6.30
N LEU B 282 -16.69 -9.08 -5.64
CA LEU B 282 -16.73 -9.37 -4.22
C LEU B 282 -17.01 -8.09 -3.43
N HIS B 283 -16.33 -6.99 -3.81
CA HIS B 283 -16.58 -5.71 -3.14
C HIS B 283 -18.07 -5.34 -3.19
N ASP B 284 -18.65 -5.37 -4.38
CA ASP B 284 -20.06 -4.99 -4.56
C ASP B 284 -21.03 -5.95 -3.88
N LYS B 285 -20.69 -7.24 -3.91
CA LYS B 285 -21.51 -8.23 -3.23
C LYS B 285 -21.52 -7.96 -1.72
N TRP B 286 -20.35 -7.70 -1.12
CA TRP B 286 -20.25 -7.71 0.36
C TRP B 286 -20.44 -6.35 1.06
N TYR B 287 -20.16 -5.27 0.34
CA TYR B 287 -20.47 -3.91 0.79
C TYR B 287 -21.93 -3.48 0.48
N LYS B 288 -22.67 -4.33 -0.20
CA LYS B 288 -24.09 -4.11 -0.50
C LYS B 288 -24.33 -2.95 -1.47
#